data_1B73
#
_entry.id   1B73
#
_cell.length_a   72.170
_cell.length_b   72.170
_cell.length_c   184.990
_cell.angle_alpha   90.00
_cell.angle_beta   90.00
_cell.angle_gamma   120.00
#
_symmetry.space_group_name_H-M   'P 65 2 2'
#
loop_
_entity.id
_entity.type
_entity.pdbx_description
1 polymer 'GLUTAMATE RACEMASE'
2 water water
#
_entity_poly.entity_id   1
_entity_poly.type   'polypeptide(L)'
_entity_poly.pdbx_seq_one_letter_code
;MKIGIFDSGVGGLTVLKAIRNRYRKVDIVYLGDTARVPYGIRSKDTIIRYSLECAGFLKDKGVDIIVVACNTASAYALER
LKKEINVPVFGVIEPGVKEALKKSRNKKIGVIGTPATVKSGAYQRKLEEGGADVFAKACPLFAPLAEEGLLEGEITRKVV
EHYLKEFKGKIDTLILGCTHYPLLKKEIKKFLGDAEVVDSSEALSLSLHNFIKDDGSSSLELFFTDLSPNLQFLIKLILG
RDYPVKLAEGVFTH
;
_entity_poly.pdbx_strand_id   A
#
# COMPACT_ATOMS: atom_id res chain seq x y z
N MET A 1 -19.58 7.33 -11.50
CA MET A 1 -18.65 6.92 -10.49
C MET A 1 -17.23 7.00 -11.05
N LYS A 2 -16.39 7.80 -10.40
CA LYS A 2 -14.99 7.94 -10.75
C LYS A 2 -14.22 7.63 -9.48
N ILE A 3 -13.24 6.71 -9.56
CA ILE A 3 -12.45 6.36 -8.38
C ILE A 3 -11.10 7.02 -8.50
N GLY A 4 -10.64 7.66 -7.42
CA GLY A 4 -9.34 8.29 -7.44
C GLY A 4 -8.46 7.46 -6.52
N ILE A 5 -7.36 6.87 -7.05
CA ILE A 5 -6.47 6.09 -6.19
C ILE A 5 -5.25 6.95 -6.08
N PHE A 6 -4.58 6.95 -4.95
CA PHE A 6 -3.40 7.79 -4.89
C PHE A 6 -2.36 7.05 -4.12
N ASP A 7 -1.10 7.18 -4.55
CA ASP A 7 0.02 6.47 -3.89
C ASP A 7 1.28 7.30 -4.08
N SER A 8 2.37 6.90 -3.45
CA SER A 8 3.63 7.61 -3.58
C SER A 8 4.36 7.19 -4.81
N GLY A 9 4.18 5.93 -5.19
CA GLY A 9 4.90 5.41 -6.34
C GLY A 9 4.01 4.60 -7.24
N VAL A 10 4.45 3.41 -7.66
CA VAL A 10 3.66 2.58 -8.57
C VAL A 10 3.10 1.36 -7.88
N GLY A 11 3.39 1.20 -6.59
CA GLY A 11 2.92 0.04 -5.87
C GLY A 11 1.41 0.00 -5.82
N GLY A 12 0.77 1.16 -6.07
CA GLY A 12 -0.69 1.34 -6.03
C GLY A 12 -1.36 0.93 -7.33
N LEU A 13 -0.57 0.71 -8.38
CA LEU A 13 -1.12 0.30 -9.66
C LEU A 13 -1.62 -1.16 -9.59
N THR A 14 -1.34 -1.79 -8.44
CA THR A 14 -1.78 -3.15 -8.11
C THR A 14 -3.27 -3.12 -7.72
N VAL A 15 -3.57 -2.35 -6.68
CA VAL A 15 -4.92 -2.14 -6.16
C VAL A 15 -5.74 -1.75 -7.36
N LEU A 16 -5.29 -0.69 -8.05
CA LEU A 16 -5.93 -0.17 -9.27
C LEU A 16 -6.33 -1.20 -10.29
N LYS A 17 -5.53 -2.27 -10.43
CA LYS A 17 -5.81 -3.37 -11.35
C LYS A 17 -6.93 -4.24 -10.77
N ALA A 18 -6.93 -4.39 -9.44
CA ALA A 18 -7.93 -5.20 -8.73
C ALA A 18 -9.30 -4.54 -8.88
N ILE A 19 -9.35 -3.27 -8.46
CA ILE A 19 -10.53 -2.41 -8.55
C ILE A 19 -11.04 -2.61 -9.95
N ARG A 20 -10.38 -1.99 -10.92
CA ARG A 20 -10.68 -2.10 -12.35
C ARG A 20 -11.16 -3.46 -12.92
N ASN A 21 -10.73 -4.59 -12.37
CA ASN A 21 -11.23 -5.88 -12.90
C ASN A 21 -12.56 -6.21 -12.26
N ARG A 22 -12.71 -5.80 -11.00
CA ARG A 22 -13.92 -6.02 -10.24
C ARG A 22 -14.95 -4.97 -10.63
N TYR A 23 -14.54 -3.70 -10.63
CA TYR A 23 -15.48 -2.66 -11.00
C TYR A 23 -15.16 -2.29 -12.43
N ARG A 24 -15.56 -3.20 -13.33
CA ARG A 24 -15.31 -3.04 -14.78
C ARG A 24 -15.73 -1.78 -15.51
N LYS A 25 -16.63 -0.99 -14.95
CA LYS A 25 -17.02 0.21 -15.69
C LYS A 25 -16.78 1.53 -15.03
N VAL A 26 -16.22 1.47 -13.83
CA VAL A 26 -15.98 2.70 -13.10
C VAL A 26 -14.84 3.45 -13.75
N ASP A 27 -14.82 4.79 -13.66
CA ASP A 27 -13.75 5.59 -14.24
C ASP A 27 -12.73 5.80 -13.15
N ILE A 28 -11.48 5.85 -13.56
CA ILE A 28 -10.36 5.94 -12.64
C ILE A 28 -9.31 7.03 -13.02
N VAL A 29 -8.68 7.53 -11.98
CA VAL A 29 -7.70 8.53 -12.03
C VAL A 29 -6.75 8.23 -10.91
N TYR A 30 -5.53 7.92 -11.31
CA TYR A 30 -4.48 7.55 -10.42
C TYR A 30 -3.56 8.73 -10.26
N LEU A 31 -2.95 8.91 -9.09
CA LEU A 31 -1.94 9.95 -8.94
C LEU A 31 -0.82 9.38 -8.06
N GLY A 32 0.40 9.23 -8.62
CA GLY A 32 1.55 8.75 -7.86
C GLY A 32 2.39 9.94 -7.44
N ASP A 33 2.89 9.98 -6.22
CA ASP A 33 3.73 11.09 -5.82
C ASP A 33 5.21 10.73 -6.02
N THR A 34 5.61 10.55 -7.27
CA THR A 34 6.97 10.19 -7.62
C THR A 34 8.04 11.22 -7.28
N ALA A 35 7.67 12.49 -7.27
CA ALA A 35 8.58 13.59 -6.98
C ALA A 35 9.02 13.64 -5.55
N ARG A 36 8.30 12.93 -4.70
CA ARG A 36 8.56 12.92 -3.26
C ARG A 36 8.65 11.49 -2.72
N VAL A 37 8.55 10.53 -3.63
CA VAL A 37 8.54 9.10 -3.37
C VAL A 37 9.08 8.42 -2.11
N PRO A 38 10.25 8.85 -1.58
CA PRO A 38 10.63 8.12 -0.34
C PRO A 38 9.80 8.67 0.85
N TYR A 39 8.51 8.33 0.86
CA TYR A 39 7.52 8.75 1.88
C TYR A 39 7.74 8.19 3.29
N GLY A 40 7.79 6.87 3.36
CA GLY A 40 7.95 6.15 4.62
C GLY A 40 9.04 6.53 5.59
N ILE A 41 9.63 7.72 5.46
CA ILE A 41 10.68 8.18 6.36
C ILE A 41 10.29 9.54 6.90
N ARG A 42 9.45 10.24 6.12
CA ARG A 42 9.00 11.57 6.48
C ARG A 42 8.11 11.53 7.72
N SER A 43 7.96 12.71 8.34
CA SER A 43 7.16 12.89 9.53
C SER A 43 5.69 12.65 9.32
N LYS A 44 4.99 12.52 10.44
CA LYS A 44 3.55 12.34 10.45
C LYS A 44 2.97 13.57 9.72
N ASP A 45 3.28 14.76 10.23
CA ASP A 45 2.79 15.99 9.63
C ASP A 45 3.16 16.21 8.16
N THR A 46 4.20 15.52 7.70
CA THR A 46 4.66 15.63 6.31
C THR A 46 3.80 14.74 5.46
N ILE A 47 3.54 13.55 6.00
CA ILE A 47 2.73 12.53 5.36
C ILE A 47 1.30 12.98 5.21
N ILE A 48 0.83 13.71 6.21
CA ILE A 48 -0.52 14.28 6.19
C ILE A 48 -0.59 15.48 5.22
N ARG A 49 0.52 16.19 5.03
CA ARG A 49 0.53 17.36 4.11
C ARG A 49 0.58 16.91 2.64
N TYR A 50 1.42 15.92 2.35
CA TYR A 50 1.58 15.33 1.01
C TYR A 50 0.33 14.60 0.54
N SER A 51 -0.39 14.06 1.51
CA SER A 51 -1.62 13.29 1.36
C SER A 51 -2.76 14.24 1.09
N LEU A 52 -2.80 15.33 1.86
CA LEU A 52 -3.82 16.34 1.69
C LEU A 52 -3.74 16.83 0.25
N GLU A 53 -2.52 17.21 -0.16
CA GLU A 53 -2.25 17.75 -1.50
C GLU A 53 -2.61 16.84 -2.68
N CYS A 54 -2.26 15.58 -2.57
CA CYS A 54 -2.58 14.61 -3.62
C CYS A 54 -4.06 14.31 -3.65
N ALA A 55 -4.73 14.29 -2.50
CA ALA A 55 -6.20 14.01 -2.41
C ALA A 55 -6.94 15.17 -2.99
N GLY A 56 -6.47 16.35 -2.67
CA GLY A 56 -7.08 17.57 -3.22
C GLY A 56 -6.91 17.61 -4.71
N PHE A 57 -5.76 17.17 -5.20
CA PHE A 57 -5.53 17.07 -6.66
C PHE A 57 -6.60 16.22 -7.29
N LEU A 58 -6.81 15.04 -6.75
CA LEU A 58 -7.86 14.16 -7.30
C LEU A 58 -9.26 14.73 -7.05
N LYS A 59 -9.50 15.38 -5.90
CA LYS A 59 -10.84 15.88 -5.60
C LYS A 59 -11.16 16.82 -6.71
N ASP A 60 -10.24 17.74 -6.93
CA ASP A 60 -10.41 18.69 -7.99
C ASP A 60 -10.39 18.04 -9.35
N LYS A 61 -10.23 16.72 -9.39
CA LYS A 61 -10.24 16.03 -10.68
C LYS A 61 -11.66 15.45 -10.83
N GLY A 62 -12.49 15.75 -9.83
CA GLY A 62 -13.86 15.32 -9.84
C GLY A 62 -14.13 13.88 -9.44
N VAL A 63 -13.34 13.27 -8.54
CA VAL A 63 -13.63 11.89 -8.18
C VAL A 63 -14.67 11.81 -7.06
N ASP A 64 -15.24 10.60 -6.91
CA ASP A 64 -16.28 10.36 -5.94
C ASP A 64 -15.81 9.78 -4.61
N ILE A 65 -14.73 9.01 -4.64
CA ILE A 65 -14.13 8.40 -3.46
C ILE A 65 -12.63 8.47 -3.74
N ILE A 66 -11.81 8.38 -2.68
CA ILE A 66 -10.38 8.50 -2.85
C ILE A 66 -9.78 7.34 -2.11
N VAL A 67 -9.15 6.45 -2.87
CA VAL A 67 -8.54 5.27 -2.32
C VAL A 67 -7.07 5.57 -2.07
N VAL A 68 -6.58 5.46 -0.85
CA VAL A 68 -5.14 5.73 -0.68
C VAL A 68 -4.43 4.42 -0.37
N ALA A 69 -3.76 3.86 -1.39
CA ALA A 69 -3.04 2.60 -1.28
C ALA A 69 -1.71 2.52 -0.55
N CYS A 70 -1.29 3.61 0.06
CA CYS A 70 0.00 3.65 0.74
C CYS A 70 -0.28 3.41 2.23
N ASN A 71 0.47 2.51 2.86
CA ASN A 71 0.29 2.19 4.29
C ASN A 71 0.64 3.34 5.23
N THR A 72 1.66 4.09 4.84
CA THR A 72 2.19 5.24 5.57
C THR A 72 1.21 6.42 5.64
N ALA A 73 0.47 6.65 4.56
CA ALA A 73 -0.48 7.77 4.50
C ALA A 73 -1.77 7.28 5.11
N SER A 74 -2.09 6.02 4.87
CA SER A 74 -3.30 5.45 5.47
C SER A 74 -3.20 5.39 7.00
N ALA A 75 -1.98 5.27 7.52
CA ALA A 75 -1.71 5.16 8.95
C ALA A 75 -1.63 6.50 9.64
N TYR A 76 -1.49 7.59 8.89
CA TYR A 76 -1.37 8.90 9.51
C TYR A 76 -2.32 9.94 9.00
N ALA A 77 -2.71 9.86 7.72
CA ALA A 77 -3.59 10.88 7.13
C ALA A 77 -5.07 10.68 6.86
N LEU A 78 -5.62 9.51 7.16
CA LEU A 78 -7.07 9.29 6.92
C LEU A 78 -8.02 10.21 7.68
N GLU A 79 -7.68 10.63 8.89
CA GLU A 79 -8.63 11.47 9.64
C GLU A 79 -8.77 12.81 8.95
N ARG A 80 -7.61 13.39 8.66
CA ARG A 80 -7.41 14.64 7.99
C ARG A 80 -7.99 14.69 6.60
N LEU A 81 -7.80 13.62 5.83
CA LEU A 81 -8.30 13.56 4.45
C LEU A 81 -9.80 13.68 4.49
N LYS A 82 -10.43 12.78 5.25
CA LYS A 82 -11.89 12.73 5.46
C LYS A 82 -12.43 14.08 5.88
N LYS A 83 -11.78 14.64 6.88
CA LYS A 83 -12.18 15.94 7.40
C LYS A 83 -12.00 17.09 6.43
N GLU A 84 -11.19 16.95 5.39
CA GLU A 84 -11.00 18.08 4.45
C GLU A 84 -11.51 17.89 3.03
N ILE A 85 -11.73 16.64 2.65
CA ILE A 85 -12.22 16.29 1.33
C ILE A 85 -13.64 15.79 1.65
N ASN A 86 -14.64 16.40 1.07
CA ASN A 86 -16.03 16.01 1.36
C ASN A 86 -16.42 14.74 0.58
N VAL A 87 -15.62 13.69 0.73
CA VAL A 87 -15.96 12.45 0.04
C VAL A 87 -15.44 11.30 0.84
N PRO A 88 -15.89 10.10 0.49
CA PRO A 88 -15.44 8.90 1.18
C PRO A 88 -13.96 8.63 0.89
N VAL A 89 -13.19 8.32 1.94
CA VAL A 89 -11.76 8.00 1.85
C VAL A 89 -11.44 6.59 2.38
N PHE A 90 -10.74 5.77 1.59
CA PHE A 90 -10.38 4.41 2.03
C PHE A 90 -8.90 4.02 1.97
N GLY A 91 -8.35 3.64 3.12
CA GLY A 91 -6.97 3.20 3.15
C GLY A 91 -6.84 1.70 3.11
N VAL A 92 -5.60 1.24 3.13
CA VAL A 92 -5.31 -0.18 2.99
C VAL A 92 -5.00 -0.92 4.28
N ILE A 93 -5.07 -0.23 5.40
CA ILE A 93 -4.82 -0.90 6.68
C ILE A 93 -6.03 -1.64 7.26
N GLU A 94 -7.14 -0.95 7.40
CA GLU A 94 -8.31 -1.58 7.93
C GLU A 94 -8.80 -2.83 7.12
N PRO A 95 -8.66 -2.85 5.80
CA PRO A 95 -9.14 -4.08 5.12
C PRO A 95 -8.17 -5.22 5.32
N GLY A 96 -6.94 -4.83 5.55
CA GLY A 96 -5.89 -5.79 5.77
C GLY A 96 -6.17 -6.44 7.07
N VAL A 97 -6.45 -5.62 8.07
CA VAL A 97 -6.75 -6.14 9.41
C VAL A 97 -7.95 -7.06 9.53
N LYS A 98 -9.06 -6.63 8.97
CA LYS A 98 -10.32 -7.39 8.97
C LYS A 98 -9.97 -8.76 8.46
N GLU A 99 -9.28 -8.79 7.32
CA GLU A 99 -8.88 -10.02 6.66
C GLU A 99 -7.97 -10.81 7.54
N ALA A 100 -6.94 -10.17 8.07
CA ALA A 100 -6.03 -10.87 8.93
C ALA A 100 -6.86 -11.50 10.04
N LEU A 101 -7.62 -10.68 10.77
CA LEU A 101 -8.43 -11.20 11.87
C LEU A 101 -9.30 -12.39 11.45
N LYS A 102 -9.78 -12.39 10.21
CA LYS A 102 -10.61 -13.46 9.67
C LYS A 102 -9.81 -14.72 9.36
N LYS A 103 -8.81 -14.57 8.51
CA LYS A 103 -7.94 -15.67 8.09
C LYS A 103 -7.33 -16.40 9.26
N SER A 104 -6.85 -15.66 10.26
CA SER A 104 -6.21 -16.26 11.42
C SER A 104 -7.06 -17.36 12.08
N ARG A 105 -6.38 -18.18 12.88
CA ARG A 105 -6.98 -19.27 13.61
C ARG A 105 -6.64 -19.08 15.09
N ASN A 106 -5.36 -18.85 15.33
CA ASN A 106 -4.87 -18.67 16.68
C ASN A 106 -4.73 -17.20 17.08
N LYS A 107 -5.08 -16.31 16.17
CA LYS A 107 -5.01 -14.86 16.37
C LYS A 107 -3.69 -14.29 16.83
N LYS A 108 -2.60 -14.95 16.43
CA LYS A 108 -1.24 -14.52 16.72
C LYS A 108 -0.75 -14.17 15.31
N ILE A 109 -0.94 -12.93 14.91
CA ILE A 109 -0.57 -12.48 13.58
C ILE A 109 0.46 -11.35 13.54
N GLY A 110 1.15 -11.24 12.42
CA GLY A 110 2.20 -10.25 12.31
C GLY A 110 2.13 -9.28 11.17
N VAL A 111 2.87 -8.18 11.34
CA VAL A 111 2.93 -7.12 10.34
C VAL A 111 4.36 -6.66 10.09
N ILE A 112 4.74 -6.64 8.83
CA ILE A 112 6.06 -6.18 8.44
C ILE A 112 5.63 -4.97 7.64
N GLY A 113 6.05 -3.78 8.03
CA GLY A 113 5.67 -2.60 7.29
C GLY A 113 6.78 -1.56 7.44
N THR A 114 6.66 -0.43 6.73
CA THR A 114 7.70 0.57 6.81
C THR A 114 7.88 1.10 8.21
N PRO A 115 9.10 1.54 8.52
CA PRO A 115 9.38 2.07 9.84
C PRO A 115 8.37 3.13 10.29
N ALA A 116 7.87 3.92 9.35
CA ALA A 116 6.95 5.00 9.71
C ALA A 116 5.51 4.59 10.02
N THR A 117 5.06 3.48 9.41
CA THR A 117 3.71 2.97 9.64
C THR A 117 3.73 2.02 10.83
N VAL A 118 4.90 1.42 11.04
CA VAL A 118 5.08 0.48 12.11
C VAL A 118 5.25 1.25 13.38
N LYS A 119 5.55 2.53 13.23
CA LYS A 119 5.73 3.43 14.36
C LYS A 119 4.38 3.98 14.72
N SER A 120 3.57 4.26 13.69
CA SER A 120 2.23 4.80 13.87
C SER A 120 1.42 4.02 14.91
N GLY A 121 1.52 2.70 14.84
CA GLY A 121 0.82 1.80 15.74
C GLY A 121 -0.59 1.47 15.29
N ALA A 122 -0.98 1.98 14.14
CA ALA A 122 -2.32 1.78 13.58
C ALA A 122 -2.65 0.31 13.33
N TYR A 123 -1.63 -0.46 12.93
CA TYR A 123 -1.84 -1.88 12.63
C TYR A 123 -1.95 -2.65 13.91
N GLN A 124 -0.97 -2.43 14.78
CA GLN A 124 -0.90 -3.07 16.07
C GLN A 124 -2.24 -2.88 16.76
N ARG A 125 -2.63 -1.62 16.94
CA ARG A 125 -3.91 -1.29 17.58
C ARG A 125 -5.07 -2.06 16.97
N LYS A 126 -5.48 -1.69 15.76
CA LYS A 126 -6.58 -2.33 15.05
C LYS A 126 -6.63 -3.84 15.13
N LEU A 127 -5.48 -4.47 15.36
CA LEU A 127 -5.40 -5.91 15.46
C LEU A 127 -5.69 -6.36 16.88
N GLU A 128 -5.12 -5.64 17.84
CA GLU A 128 -5.34 -5.94 19.25
C GLU A 128 -6.83 -5.79 19.59
N GLU A 129 -7.44 -4.65 19.26
CA GLU A 129 -8.85 -4.43 19.58
C GLU A 129 -9.79 -5.36 18.83
N GLY A 130 -9.20 -6.27 18.08
CA GLY A 130 -9.98 -7.24 17.34
C GLY A 130 -9.74 -8.60 17.96
N GLY A 131 -8.93 -8.54 19.03
CA GLY A 131 -8.54 -9.72 19.79
C GLY A 131 -7.45 -10.52 19.10
N ALA A 132 -6.22 -9.99 19.08
CA ALA A 132 -5.12 -10.68 18.39
C ALA A 132 -3.71 -10.28 18.79
N ASP A 133 -2.84 -11.27 19.01
CA ASP A 133 -1.47 -10.92 19.38
C ASP A 133 -0.61 -10.54 18.17
N VAL A 134 -0.43 -9.23 18.03
CA VAL A 134 0.34 -8.62 16.97
C VAL A 134 1.81 -8.76 17.23
N PHE A 135 2.53 -9.16 16.17
CA PHE A 135 3.99 -9.29 16.14
C PHE A 135 4.31 -8.36 15.00
N ALA A 136 4.75 -7.14 15.29
CA ALA A 136 5.12 -6.21 14.24
C ALA A 136 6.65 -6.20 14.18
N LYS A 137 7.16 -5.67 13.07
CA LYS A 137 8.61 -5.50 12.76
C LYS A 137 8.71 -4.58 11.54
N ALA A 138 9.73 -3.73 11.51
CA ALA A 138 9.94 -2.77 10.41
C ALA A 138 10.75 -3.30 9.21
N CYS A 139 10.48 -2.70 8.06
CA CYS A 139 11.16 -2.98 6.78
C CYS A 139 12.62 -2.53 6.96
N PRO A 140 13.62 -3.33 6.47
CA PRO A 140 15.03 -2.94 6.59
C PRO A 140 15.34 -2.05 5.38
N LEU A 141 15.81 -0.83 5.62
CA LEU A 141 16.12 0.08 4.51
C LEU A 141 17.56 -0.19 4.04
N PHE A 142 17.73 -1.08 3.08
CA PHE A 142 19.08 -1.40 2.64
C PHE A 142 19.70 -0.79 1.40
N ALA A 143 18.97 -0.67 0.30
CA ALA A 143 19.54 -0.14 -0.96
C ALA A 143 20.41 1.11 -0.90
N PRO A 144 20.05 2.08 -0.04
CA PRO A 144 20.87 3.31 0.04
C PRO A 144 22.33 2.97 0.38
N LEU A 145 22.55 2.37 1.54
CA LEU A 145 23.90 2.00 2.01
C LEU A 145 24.63 0.98 1.13
N ALA A 146 24.02 -0.19 1.00
CA ALA A 146 24.61 -1.25 0.22
C ALA A 146 23.66 -1.77 -0.80
N GLU A 147 24.24 -2.22 -1.90
CA GLU A 147 23.50 -2.79 -3.02
C GLU A 147 22.97 -4.13 -2.61
N GLU A 148 21.73 -4.37 -2.97
CA GLU A 148 21.05 -5.62 -2.63
C GLU A 148 21.87 -6.85 -3.02
N GLY A 149 22.66 -6.72 -4.09
CA GLY A 149 23.48 -7.83 -4.55
C GLY A 149 24.45 -8.30 -3.48
N LEU A 150 24.65 -7.45 -2.48
CA LEU A 150 25.51 -7.79 -1.35
C LEU A 150 24.70 -8.78 -0.51
N LEU A 151 23.42 -8.48 -0.36
CA LEU A 151 22.50 -9.28 0.43
C LEU A 151 22.03 -10.58 -0.23
N GLU A 152 22.79 -11.06 -1.20
CA GLU A 152 22.41 -12.28 -1.90
C GLU A 152 23.10 -13.50 -1.30
N GLY A 153 22.38 -14.60 -1.20
CA GLY A 153 22.95 -15.82 -0.62
C GLY A 153 23.28 -15.61 0.86
N GLU A 154 23.82 -16.64 1.52
CA GLU A 154 24.19 -16.61 2.94
C GLU A 154 23.74 -15.44 3.84
N ILE A 155 24.13 -14.24 3.47
CA ILE A 155 23.78 -13.05 4.22
C ILE A 155 22.27 -12.73 4.19
N THR A 156 21.58 -13.14 3.12
CA THR A 156 20.15 -12.88 3.01
C THR A 156 19.34 -13.80 3.90
N ARG A 157 19.71 -15.08 3.93
CA ARG A 157 18.98 -16.05 4.73
C ARG A 157 19.27 -15.84 6.19
N LYS A 158 20.07 -14.83 6.50
CA LYS A 158 20.44 -14.52 7.86
C LYS A 158 19.87 -13.16 8.30
N VAL A 159 19.46 -12.37 7.30
CA VAL A 159 18.86 -11.09 7.58
C VAL A 159 17.50 -11.52 8.06
N VAL A 160 16.82 -12.26 7.19
CA VAL A 160 15.48 -12.79 7.42
C VAL A 160 15.27 -13.31 8.85
N GLU A 161 15.83 -14.48 9.14
CA GLU A 161 15.74 -15.11 10.46
C GLU A 161 15.96 -14.18 11.65
N HIS A 162 16.79 -13.16 11.49
CA HIS A 162 17.03 -12.25 12.62
C HIS A 162 15.90 -11.24 12.71
N TYR A 163 15.29 -10.92 11.57
CA TYR A 163 14.18 -9.98 11.54
C TYR A 163 12.89 -10.68 11.90
N LEU A 164 12.64 -11.78 11.20
CA LEU A 164 11.44 -12.55 11.46
C LEU A 164 11.78 -13.56 12.54
N LYS A 165 12.51 -13.07 13.54
CA LYS A 165 12.94 -13.93 14.65
C LYS A 165 11.75 -14.26 15.54
N GLU A 166 11.27 -13.26 16.28
CA GLU A 166 10.12 -13.43 17.15
C GLU A 166 8.97 -14.15 16.45
N PHE A 167 8.65 -13.73 15.22
CA PHE A 167 7.57 -14.32 14.42
C PHE A 167 7.78 -15.85 14.29
N LYS A 168 9.05 -16.27 14.25
CA LYS A 168 9.49 -17.68 14.10
C LYS A 168 8.45 -18.77 13.82
N GLY A 169 7.73 -19.19 14.86
CA GLY A 169 6.71 -20.22 14.70
C GLY A 169 5.51 -19.90 15.55
N LYS A 170 5.38 -18.61 15.88
CA LYS A 170 4.30 -18.08 16.72
C LYS A 170 3.10 -17.54 15.94
N ILE A 171 3.32 -17.14 14.69
CA ILE A 171 2.25 -16.58 13.88
C ILE A 171 1.72 -17.56 12.83
N ASP A 172 0.55 -17.26 12.30
CA ASP A 172 -0.08 -18.13 11.32
C ASP A 172 -0.71 -17.26 10.24
N THR A 173 -0.64 -15.95 10.42
CA THR A 173 -1.15 -14.99 9.42
C THR A 173 -0.27 -13.80 9.40
N LEU A 174 -0.07 -13.22 8.23
CA LEU A 174 0.83 -12.09 8.13
C LEU A 174 0.37 -11.03 7.12
N ILE A 175 0.45 -9.78 7.53
CA ILE A 175 0.08 -8.70 6.63
C ILE A 175 1.43 -8.20 6.11
N LEU A 176 1.66 -8.39 4.81
CA LEU A 176 2.92 -7.98 4.21
C LEU A 176 2.74 -6.49 4.00
N GLY A 177 3.04 -5.77 5.08
CA GLY A 177 2.89 -4.33 5.10
C GLY A 177 3.58 -3.83 3.89
N CYS A 178 4.89 -3.96 3.89
CA CYS A 178 5.67 -3.53 2.75
C CYS A 178 6.95 -4.31 2.56
N THR A 179 7.03 -4.99 1.42
CA THR A 179 8.16 -5.85 1.10
C THR A 179 9.40 -5.29 0.39
N HIS A 180 10.52 -5.31 1.10
CA HIS A 180 11.80 -4.85 0.56
C HIS A 180 12.84 -5.94 0.66
N TYR A 181 13.74 -5.96 -0.32
CA TYR A 181 14.82 -6.94 -0.37
C TYR A 181 15.71 -6.84 0.87
N PRO A 182 16.13 -7.98 1.44
CA PRO A 182 15.89 -9.39 1.09
C PRO A 182 14.57 -10.02 1.59
N LEU A 183 13.69 -9.21 2.19
CA LEU A 183 12.44 -9.72 2.73
C LEU A 183 11.37 -9.85 1.69
N LEU A 184 11.69 -10.52 0.60
CA LEU A 184 10.69 -10.70 -0.44
C LEU A 184 9.66 -11.64 0.13
N LYS A 185 8.52 -11.80 -0.56
CA LYS A 185 7.46 -12.72 -0.14
C LYS A 185 8.00 -14.16 -0.03
N LYS A 186 8.74 -14.62 -1.05
CA LYS A 186 9.29 -15.97 -1.04
C LYS A 186 10.55 -16.23 -0.20
N GLU A 187 11.15 -15.20 0.37
CA GLU A 187 12.29 -15.44 1.25
C GLU A 187 11.72 -15.62 2.66
N ILE A 188 10.61 -14.92 2.95
CA ILE A 188 9.93 -15.00 4.27
C ILE A 188 9.04 -16.22 4.37
N LYS A 189 8.22 -16.45 3.34
CA LYS A 189 7.30 -17.59 3.31
C LYS A 189 8.07 -18.90 3.22
N LYS A 190 9.39 -18.78 3.32
CA LYS A 190 10.27 -19.95 3.30
C LYS A 190 10.79 -20.10 4.72
N PHE A 191 11.30 -19.02 5.31
CA PHE A 191 11.77 -19.09 6.70
C PHE A 191 10.61 -19.52 7.60
N LEU A 192 9.54 -18.74 7.54
CA LEU A 192 8.32 -18.95 8.33
C LEU A 192 7.52 -20.17 7.95
N GLY A 193 7.77 -20.68 6.75
CA GLY A 193 7.00 -21.81 6.30
C GLY A 193 5.68 -21.25 5.78
N ASP A 194 4.97 -22.06 5.02
CA ASP A 194 3.68 -21.73 4.42
C ASP A 194 2.75 -21.05 5.42
N ALA A 195 2.70 -19.73 5.39
CA ALA A 195 1.83 -18.96 6.27
C ALA A 195 0.82 -18.31 5.36
N GLU A 196 -0.25 -17.78 5.94
CA GLU A 196 -1.28 -17.12 5.15
C GLU A 196 -0.96 -15.64 5.06
N VAL A 197 -0.46 -15.23 3.91
CA VAL A 197 -0.09 -13.83 3.69
C VAL A 197 -1.34 -13.08 3.23
N VAL A 198 -1.66 -11.99 3.92
CA VAL A 198 -2.84 -11.24 3.51
C VAL A 198 -2.54 -10.50 2.21
N ASP A 199 -3.50 -10.53 1.29
CA ASP A 199 -3.36 -9.81 0.03
C ASP A 199 -4.10 -8.49 0.32
N SER A 200 -3.32 -7.48 0.73
CA SER A 200 -3.80 -6.14 1.09
C SER A 200 -4.46 -5.37 -0.07
N SER A 201 -4.12 -5.77 -1.28
CA SER A 201 -4.69 -5.18 -2.49
C SER A 201 -6.04 -5.86 -2.84
N GLU A 202 -6.13 -7.20 -2.75
CA GLU A 202 -7.43 -7.84 -3.03
C GLU A 202 -8.42 -7.54 -1.92
N ALA A 203 -7.91 -7.43 -0.69
CA ALA A 203 -8.70 -7.13 0.50
C ALA A 203 -9.30 -5.78 0.37
N LEU A 204 -8.46 -4.80 0.04
CA LEU A 204 -8.86 -3.40 -0.12
C LEU A 204 -9.95 -3.24 -1.15
N SER A 205 -9.61 -3.61 -2.38
CA SER A 205 -10.51 -3.54 -3.54
C SER A 205 -11.89 -3.98 -3.20
N LEU A 206 -11.94 -5.20 -2.66
CA LEU A 206 -13.16 -5.86 -2.22
C LEU A 206 -13.96 -4.98 -1.24
N SER A 207 -13.24 -4.41 -0.27
CA SER A 207 -13.77 -3.54 0.77
C SER A 207 -14.53 -2.31 0.32
N LEU A 208 -14.45 -1.96 -0.97
CA LEU A 208 -15.13 -0.75 -1.49
C LEU A 208 -16.47 -1.08 -2.14
N HIS A 209 -16.80 -2.35 -2.18
CA HIS A 209 -17.99 -2.79 -2.85
C HIS A 209 -19.31 -2.04 -2.54
N ASN A 210 -19.60 -1.72 -1.29
CA ASN A 210 -20.84 -1.03 -1.00
C ASN A 210 -20.88 0.45 -1.28
N PHE A 211 -19.71 1.06 -1.46
CA PHE A 211 -19.63 2.49 -1.69
C PHE A 211 -19.55 2.83 -3.16
N ILE A 212 -19.06 1.87 -3.94
CA ILE A 212 -18.88 2.00 -5.36
C ILE A 212 -20.08 1.62 -6.22
N LYS A 213 -20.50 2.52 -7.08
CA LYS A 213 -21.57 2.15 -8.01
C LYS A 213 -20.85 1.78 -9.31
N ASP A 214 -20.82 0.49 -9.64
CA ASP A 214 -20.17 0.08 -10.87
C ASP A 214 -20.82 0.75 -12.09
N ASP A 215 -20.39 1.96 -12.37
CA ASP A 215 -20.93 2.75 -13.46
C ASP A 215 -19.91 3.79 -13.94
N GLY A 216 -19.91 4.09 -15.22
CA GLY A 216 -18.98 5.07 -15.73
C GLY A 216 -18.53 4.68 -17.11
N SER A 217 -17.79 5.60 -17.73
CA SER A 217 -17.28 5.48 -19.08
C SER A 217 -16.15 4.46 -19.26
N SER A 218 -15.77 3.80 -18.17
CA SER A 218 -14.69 2.80 -18.13
C SER A 218 -13.30 3.37 -18.40
N SER A 219 -13.17 4.69 -18.31
CA SER A 219 -11.90 5.39 -18.52
C SER A 219 -10.78 5.13 -17.49
N LEU A 220 -9.56 5.56 -17.83
CA LEU A 220 -8.41 5.40 -16.96
C LEU A 220 -7.40 6.52 -17.24
N GLU A 221 -7.06 7.28 -16.19
CA GLU A 221 -6.08 8.35 -16.33
C GLU A 221 -4.98 8.20 -15.26
N LEU A 222 -3.72 8.24 -15.68
CA LEU A 222 -2.58 8.05 -14.82
C LEU A 222 -1.78 9.35 -14.71
N PHE A 223 -1.55 9.80 -13.47
CA PHE A 223 -0.85 11.05 -13.17
C PHE A 223 0.29 10.76 -12.20
N PHE A 224 1.38 11.54 -12.24
CA PHE A 224 2.55 11.36 -11.32
C PHE A 224 3.16 12.75 -11.28
N THR A 225 3.74 13.16 -10.15
CA THR A 225 4.34 14.48 -9.96
C THR A 225 5.81 14.54 -10.36
N ASP A 226 6.28 13.51 -11.04
CA ASP A 226 7.65 13.43 -11.52
C ASP A 226 7.76 12.29 -12.49
N LEU A 227 8.03 12.63 -13.74
CA LEU A 227 8.16 11.65 -14.82
C LEU A 227 9.51 10.92 -14.64
N SER A 228 9.68 10.35 -13.44
CA SER A 228 10.87 9.63 -13.03
C SER A 228 11.38 8.68 -14.12
N PRO A 229 12.61 8.17 -13.96
CA PRO A 229 13.24 7.25 -14.93
C PRO A 229 12.35 6.19 -15.57
N ASN A 230 12.43 4.96 -15.06
CA ASN A 230 11.70 3.82 -15.59
C ASN A 230 10.24 3.70 -15.23
N LEU A 231 9.65 4.80 -14.79
CA LEU A 231 8.22 4.87 -14.43
C LEU A 231 7.46 4.16 -15.55
N GLN A 232 7.49 4.77 -16.72
CA GLN A 232 6.83 4.32 -17.92
C GLN A 232 6.99 2.83 -18.22
N PHE A 233 8.17 2.28 -17.95
CA PHE A 233 8.49 0.86 -18.18
C PHE A 233 7.75 -0.04 -17.16
N LEU A 234 7.79 0.39 -15.91
CA LEU A 234 7.15 -0.28 -14.77
C LEU A 234 5.65 -0.37 -14.98
N ILE A 235 5.09 0.71 -15.47
CA ILE A 235 3.65 0.83 -15.78
C ILE A 235 3.26 -0.26 -16.75
N LYS A 236 4.09 -0.41 -17.78
CA LYS A 236 3.97 -1.38 -18.86
C LYS A 236 3.93 -2.83 -18.33
N LEU A 237 4.85 -3.15 -17.43
CA LEU A 237 4.98 -4.46 -16.80
C LEU A 237 3.84 -4.84 -15.82
N ILE A 238 3.37 -3.86 -15.03
CA ILE A 238 2.31 -4.09 -14.04
C ILE A 238 0.91 -4.12 -14.63
N LEU A 239 0.61 -3.16 -15.50
CA LEU A 239 -0.70 -3.09 -16.14
C LEU A 239 -0.91 -4.04 -17.34
N GLY A 240 0.18 -4.44 -18.00
CA GLY A 240 0.07 -5.35 -19.15
C GLY A 240 0.28 -4.69 -20.51
N ARG A 241 0.06 -3.37 -20.58
CA ARG A 241 0.27 -2.63 -21.78
C ARG A 241 0.89 -1.31 -21.39
N ASP A 242 0.92 -0.36 -22.31
CA ASP A 242 1.48 0.94 -22.03
C ASP A 242 0.32 1.90 -21.90
N TYR A 243 0.32 2.61 -20.80
CA TYR A 243 -0.70 3.61 -20.61
C TYR A 243 0.05 4.91 -20.56
N PRO A 244 -0.39 5.90 -21.33
CA PRO A 244 0.23 7.22 -21.38
C PRO A 244 -0.01 7.84 -20.02
N VAL A 245 1.00 8.49 -19.45
CA VAL A 245 0.85 9.14 -18.16
C VAL A 245 0.92 10.65 -18.51
N LYS A 246 0.52 11.51 -17.59
CA LYS A 246 0.59 12.95 -17.79
C LYS A 246 1.32 13.44 -16.54
N LEU A 247 1.80 14.67 -16.55
CA LEU A 247 2.49 15.16 -15.34
C LEU A 247 1.51 15.96 -14.50
N ALA A 248 1.57 15.73 -13.18
CA ALA A 248 0.69 16.40 -12.23
C ALA A 248 0.95 17.88 -12.28
N GLU A 249 -0.06 18.57 -12.83
CA GLU A 249 -0.13 19.99 -13.03
C GLU A 249 0.50 20.30 -14.40
N GLY A 250 0.06 19.48 -15.36
CA GLY A 250 0.50 19.61 -16.72
C GLY A 250 -0.51 20.44 -17.47
N VAL A 251 -1.23 19.84 -18.42
CA VAL A 251 -2.25 20.59 -19.16
C VAL A 251 -3.26 20.96 -18.06
N PHE A 252 -3.35 20.04 -17.10
CA PHE A 252 -4.21 20.09 -15.91
C PHE A 252 -5.46 19.25 -16.14
#